data_1YQM
#
_entry.id   1YQM
#
_cell.length_a   92.508
_cell.length_b   92.508
_cell.length_c   210.649
_cell.angle_alpha   90.00
_cell.angle_beta   90.00
_cell.angle_gamma   120.00
#
_symmetry.space_group_name_H-M   'P 65 2 2'
#
loop_
_entity.id
_entity.type
_entity.pdbx_description
1 polymer "5'-D(P*GP*GP*TP*AP*GP*AP*CP*CP*TP*GP*GP*AP*C)-3'"
2 polymer "5'-D(P*GP*TP*CP*CP*AP*(7GU)P*GP*TP*CP*TP*AP*C)-3'"
3 polymer 'N-glycosylase/DNA lyase'
4 non-polymer 'CALCIUM ION'
5 water water
#
loop_
_entity_poly.entity_id
_entity_poly.type
_entity_poly.pdbx_seq_one_letter_code
_entity_poly.pdbx_strand_id
1 'polydeoxyribonucleotide' (DG)(DG)(DT)(DA)(DG)(DA)(DC)(DC)(DT)(DG)(DG)(DA)(DC) B
2 'polydeoxyribonucleotide' (DG)(DT)(DC)(DC)(DA)(7GU)(DG)(DT)(DC)(DT)(DA)(DC) C
3 'polypeptide(L)'
;SEFGHRTLASTPALWASIPCPRSELRLDLVLPSGQSFRWREQSPAHWSGVLADQVWTLTQTEEQLHCTVYRGDKSQASRP
TPDELEAVRKYFQLDVTLAQLYHHWGSVDSHFQEVAQKFQGVRLLRQDPIECLFSFICSSCNNIARITGMVERLCQAFGP
RLIQLDDVTYHGFPSLQALAGPEVEAHLRKLGLGYRARYVSASARAILEEQGGLAWLQQLRESSYEEAHKALCILPGVGT
QVADCICLMALDKPQAVPVDVHMWHIAQRDYSWHPTTSQAKGPSPQTNKELGNFFRSLWGPYAGWAQAVLFSADLRQSR
;
A
#
loop_
_chem_comp.id
_chem_comp.type
_chem_comp.name
_chem_comp.formula
7GU DNA linking 7-DEAZA-2'-DEOXYGUANOSINE-5'-MONOPHOSPHATE 'C11 H15 N4 O7 P'
CA non-polymer 'CALCIUM ION' 'Ca 2'
DA DNA linking 2'-DEOXYADENOSINE-5'-MONOPHOSPHATE 'C10 H14 N5 O6 P'
DC DNA linking 2'-DEOXYCYTIDINE-5'-MONOPHOSPHATE 'C9 H14 N3 O7 P'
DG DNA linking 2'-DEOXYGUANOSINE-5'-MONOPHOSPHATE 'C10 H14 N5 O7 P'
DT DNA linking THYMIDINE-5'-MONOPHOSPHATE 'C10 H15 N2 O8 P'
#
# COMPACT_ATOMS: atom_id res chain seq x y z
P 7GU B 6 -8.91 8.46 5.95
OP1 7GU B 6 -7.49 8.77 5.61
OP2 7GU B 6 -9.99 9.15 5.21
O5' 7GU B 6 -9.16 6.91 5.80
N9 7GU B 6 -8.04 2.54 4.28
C4 7GU B 6 -8.50 1.96 3.11
N3 7GU B 6 -9.76 1.51 2.93
C2 7GU B 6 -9.94 1.02 1.71
N2 7GU B 6 -11.13 0.54 1.37
N1 7GU B 6 -8.95 0.97 0.76
C6 7GU B 6 -7.65 1.43 0.92
O6 7GU B 6 -6.85 1.34 -0.01
C5 7GU B 6 -7.44 1.95 2.22
C7 7GU B 6 -6.29 2.52 2.80
C8 7GU B 6 -6.71 2.86 4.06
C2' 7GU B 6 -8.07 2.73 6.78
C5' 7GU B 6 -8.64 5.97 6.75
C4' 7GU B 6 -9.42 4.68 6.70
O4' 7GU B 6 -9.34 4.10 5.37
C1' 7GU B 6 -8.83 2.79 5.47
C3' 7GU B 6 -8.96 3.59 7.65
O3' 7GU B 6 -10.09 2.83 8.07
N SER C 1 24.21 18.94 -8.12
CA SER C 1 24.91 18.87 -6.79
C SER C 1 24.92 17.44 -6.23
N GLU C 2 26.01 17.07 -5.59
CA GLU C 2 26.16 15.74 -5.03
C GLU C 2 25.42 15.47 -3.72
N PHE C 3 24.76 16.49 -3.17
CA PHE C 3 24.04 16.36 -1.90
C PHE C 3 22.54 16.60 -1.99
N GLY C 4 21.81 16.11 -0.99
CA GLY C 4 20.37 16.29 -0.95
C GLY C 4 19.66 15.38 -1.93
N HIS C 5 18.34 15.54 -2.04
CA HIS C 5 17.55 14.73 -2.95
C HIS C 5 17.73 15.20 -4.39
N ARG C 6 17.95 14.26 -5.30
CA ARG C 6 18.17 14.57 -6.71
C ARG C 6 16.88 14.91 -7.43
N THR C 7 17.02 15.36 -8.67
CA THR C 7 15.89 15.69 -9.51
C THR C 7 16.32 15.35 -10.92
N LEU C 8 15.38 15.30 -11.85
CA LEU C 8 15.71 14.97 -13.24
C LEU C 8 16.69 15.97 -13.84
N ALA C 9 16.37 17.25 -13.66
CA ALA C 9 17.17 18.35 -14.20
C ALA C 9 18.56 18.42 -13.55
N SER C 10 18.56 18.36 -12.22
CA SER C 10 19.79 18.46 -11.45
C SER C 10 20.90 17.48 -11.76
N THR C 11 20.60 16.19 -11.83
CA THR C 11 21.64 15.19 -12.08
C THR C 11 21.28 14.16 -13.14
N PRO C 12 21.19 14.58 -14.41
CA PRO C 12 20.85 13.77 -15.58
C PRO C 12 21.43 12.36 -15.67
N ALA C 13 22.75 12.25 -15.58
CA ALA C 13 23.39 10.93 -15.71
C ALA C 13 23.04 9.92 -14.63
N LEU C 14 22.36 10.36 -13.58
CA LEU C 14 22.01 9.45 -12.50
C LEU C 14 20.62 8.80 -12.63
N TRP C 15 19.89 9.16 -13.69
CA TRP C 15 18.57 8.58 -13.90
C TRP C 15 18.48 7.59 -15.06
N ALA C 16 17.49 6.71 -14.97
CA ALA C 16 17.21 5.71 -15.98
C ALA C 16 15.70 5.64 -16.01
N SER C 17 15.11 5.62 -17.20
CA SER C 17 13.67 5.59 -17.27
C SER C 17 13.08 4.25 -17.68
N ILE C 18 11.87 4.01 -17.21
CA ILE C 18 11.13 2.80 -17.51
C ILE C 18 9.95 3.24 -18.38
N PRO C 19 9.75 2.59 -19.53
CA PRO C 19 8.64 2.98 -20.40
C PRO C 19 7.35 2.81 -19.62
N CYS C 20 6.60 3.90 -19.48
CA CYS C 20 5.36 3.86 -18.75
C CYS C 20 4.54 5.11 -19.00
N PRO C 21 3.48 4.99 -19.81
CA PRO C 21 2.65 6.16 -20.10
C PRO C 21 1.93 6.59 -18.84
N ARG C 22 1.67 7.87 -18.72
CA ARG C 22 0.97 8.42 -17.56
C ARG C 22 -0.36 7.69 -17.38
N SER C 23 -0.91 7.18 -18.49
CA SER C 23 -2.18 6.47 -18.44
C SER C 23 -2.08 5.17 -17.63
N GLU C 24 -0.88 4.59 -17.56
CA GLU C 24 -0.69 3.36 -16.80
C GLU C 24 -0.26 3.57 -15.35
N LEU C 25 0.15 4.79 -15.00
CA LEU C 25 0.59 5.06 -13.62
C LEU C 25 0.70 6.54 -13.31
N ARG C 26 0.06 6.96 -12.22
CA ARG C 26 0.13 8.34 -11.76
C ARG C 26 0.69 8.28 -10.33
N LEU C 27 1.94 8.67 -10.15
CA LEU C 27 2.59 8.63 -8.84
C LEU C 27 1.82 9.45 -7.83
N ASP C 28 1.40 10.64 -8.24
CA ASP C 28 0.66 11.52 -7.35
C ASP C 28 -0.69 10.94 -6.92
N LEU C 29 -1.17 9.92 -7.60
CA LEU C 29 -2.46 9.33 -7.23
C LEU C 29 -2.31 7.98 -6.57
N VAL C 30 -1.11 7.43 -6.62
CA VAL C 30 -0.86 6.12 -6.04
C VAL C 30 -0.05 6.13 -4.75
N LEU C 31 1.10 6.82 -4.79
CA LEU C 31 1.99 6.87 -3.64
C LEU C 31 1.48 7.48 -2.34
N PRO C 32 0.61 8.51 -2.41
CA PRO C 32 0.13 9.09 -1.15
C PRO C 32 -1.31 8.70 -0.80
N SER C 33 -1.87 7.75 -1.54
CA SER C 33 -3.27 7.34 -1.35
C SER C 33 -3.61 6.28 -0.31
N GLY C 34 -2.71 6.02 0.63
CA GLY C 34 -3.00 5.03 1.65
C GLY C 34 -2.66 3.58 1.35
N GLN C 35 -1.88 3.32 0.30
CA GLN C 35 -1.47 1.95 0.01
C GLN C 35 -0.18 1.77 0.80
N SER C 36 0.82 2.58 0.45
CA SER C 36 2.10 2.58 1.14
C SER C 36 2.14 3.92 1.86
N PHE C 37 2.77 3.97 3.03
CA PHE C 37 2.83 5.22 3.77
C PHE C 37 4.25 5.76 3.85
N ARG C 38 5.17 5.20 3.07
CA ARG C 38 6.55 5.63 3.16
C ARG C 38 7.16 6.39 1.99
N TRP C 39 6.33 7.06 1.21
CA TRP C 39 6.80 7.85 0.08
C TRP C 39 6.54 9.34 0.34
N ARG C 40 7.51 10.19 -0.01
CA ARG C 40 7.37 11.63 0.20
C ARG C 40 7.74 12.42 -1.04
N GLU C 41 6.97 13.45 -1.33
CA GLU C 41 7.27 14.30 -2.48
C GLU C 41 8.22 15.38 -1.96
N GLN C 42 9.49 15.03 -1.81
CA GLN C 42 10.49 15.97 -1.29
C GLN C 42 10.62 17.23 -2.13
N SER C 43 10.34 17.13 -3.42
CA SER C 43 10.38 18.28 -4.31
C SER C 43 9.34 18.01 -5.38
N PRO C 44 8.61 19.06 -5.82
CA PRO C 44 7.58 18.91 -6.85
C PRO C 44 7.79 17.80 -7.88
N ALA C 45 6.82 16.89 -7.93
CA ALA C 45 6.80 15.74 -8.85
C ALA C 45 7.86 14.67 -8.60
N HIS C 46 8.58 14.77 -7.50
CA HIS C 46 9.61 13.79 -7.17
C HIS C 46 9.28 13.11 -5.85
N TRP C 47 9.16 11.78 -5.89
CA TRP C 47 8.82 11.02 -4.71
C TRP C 47 9.97 10.15 -4.24
N SER C 48 10.30 10.24 -2.96
CA SER C 48 11.40 9.47 -2.40
C SER C 48 10.94 8.49 -1.34
N GLY C 49 11.56 7.32 -1.32
CA GLY C 49 11.19 6.32 -0.34
C GLY C 49 12.01 5.06 -0.46
N VAL C 50 11.86 4.16 0.50
CA VAL C 50 12.58 2.90 0.50
C VAL C 50 11.87 1.89 -0.38
N LEU C 51 12.59 1.32 -1.32
CA LEU C 51 12.03 0.34 -2.24
C LEU C 51 13.06 -0.74 -2.36
N ALA C 52 12.69 -1.95 -2.00
CA ALA C 52 13.62 -3.08 -2.07
C ALA C 52 14.91 -2.78 -1.33
N ASP C 53 14.78 -2.39 -0.06
CA ASP C 53 15.91 -2.10 0.83
C ASP C 53 16.86 -0.99 0.41
N GLN C 54 16.44 -0.14 -0.52
CA GLN C 54 17.26 0.99 -0.95
C GLN C 54 16.39 2.23 -1.12
N VAL C 55 17.01 3.40 -1.09
CA VAL C 55 16.28 4.64 -1.24
C VAL C 55 16.23 5.04 -2.72
N TRP C 56 15.05 5.45 -3.16
CA TRP C 56 14.85 5.86 -4.54
C TRP C 56 14.14 7.20 -4.60
N THR C 57 14.16 7.80 -5.78
CA THR C 57 13.45 9.03 -6.04
C THR C 57 12.85 8.74 -7.40
N LEU C 58 11.55 8.96 -7.52
CA LEU C 58 10.83 8.69 -8.75
C LEU C 58 10.13 9.94 -9.22
N THR C 59 10.03 10.09 -10.53
CA THR C 59 9.36 11.22 -11.13
C THR C 59 9.01 10.80 -12.56
N GLN C 60 7.84 11.20 -13.04
CA GLN C 60 7.47 10.80 -14.38
C GLN C 60 7.23 11.92 -15.38
N THR C 61 7.46 11.59 -16.64
CA THR C 61 7.20 12.51 -17.74
C THR C 61 6.03 11.85 -18.47
N GLU C 62 5.61 12.41 -19.59
CA GLU C 62 4.46 11.87 -20.30
C GLU C 62 4.53 10.40 -20.67
N GLU C 63 5.70 9.92 -21.07
CA GLU C 63 5.82 8.52 -21.47
C GLU C 63 6.82 7.70 -20.66
N GLN C 64 7.53 8.37 -19.76
CA GLN C 64 8.52 7.65 -18.97
C GLN C 64 8.39 7.80 -17.47
N LEU C 65 8.89 6.79 -16.77
CA LEU C 65 8.95 6.78 -15.32
C LEU C 65 10.45 6.82 -15.05
N HIS C 66 10.92 7.97 -14.56
CA HIS C 66 12.34 8.14 -14.29
C HIS C 66 12.69 7.69 -12.88
N CYS C 67 13.76 6.93 -12.77
CA CYS C 67 14.19 6.39 -11.49
C CYS C 67 15.65 6.66 -11.19
N THR C 68 15.93 6.95 -9.93
CA THR C 68 17.30 7.18 -9.47
C THR C 68 17.40 6.50 -8.11
N VAL C 69 18.51 5.82 -7.86
CA VAL C 69 18.68 5.11 -6.61
C VAL C 69 19.92 5.56 -5.85
N TYR C 70 19.86 5.49 -4.53
CA TYR C 70 21.01 5.87 -3.69
C TYR C 70 21.42 4.63 -2.93
N ARG C 71 22.65 4.19 -3.12
CA ARG C 71 23.10 2.98 -2.44
C ARG C 71 23.87 3.31 -1.16
N SER C 75 29.28 1.99 -4.18
CA SER C 75 29.50 3.16 -3.29
C SER C 75 29.60 4.45 -4.12
N GLN C 76 29.94 4.31 -5.40
CA GLN C 76 30.03 5.48 -6.29
C GLN C 76 28.68 5.69 -6.98
N ALA C 77 28.22 6.93 -7.02
CA ALA C 77 26.94 7.26 -7.65
C ALA C 77 26.90 6.87 -9.13
N SER C 78 25.78 6.28 -9.54
CA SER C 78 25.60 5.83 -10.91
C SER C 78 24.13 5.50 -11.18
N ARG C 79 23.74 5.53 -12.45
CA ARG C 79 22.38 5.22 -12.85
C ARG C 79 21.97 3.84 -12.35
N PRO C 80 20.67 3.60 -12.19
CA PRO C 80 20.18 2.30 -11.71
C PRO C 80 20.49 1.20 -12.73
N THR C 81 20.74 -0.02 -12.25
CA THR C 81 21.01 -1.14 -13.14
C THR C 81 19.70 -1.81 -13.54
N PRO C 82 19.71 -2.58 -14.63
CA PRO C 82 18.52 -3.28 -15.11
C PRO C 82 17.81 -4.09 -14.03
N ASP C 83 18.57 -4.79 -13.19
CA ASP C 83 17.99 -5.60 -12.11
C ASP C 83 17.30 -4.73 -11.09
N GLU C 84 17.94 -3.62 -10.72
CA GLU C 84 17.37 -2.69 -9.76
C GLU C 84 16.07 -2.12 -10.33
N LEU C 85 16.09 -1.80 -11.63
CA LEU C 85 14.91 -1.27 -12.31
C LEU C 85 13.82 -2.34 -12.39
N GLU C 86 14.24 -3.57 -12.61
CA GLU C 86 13.30 -4.67 -12.70
C GLU C 86 12.55 -4.73 -11.37
N ALA C 87 13.22 -4.34 -10.29
CA ALA C 87 12.60 -4.34 -8.97
C ALA C 87 11.55 -3.23 -8.92
N VAL C 88 11.81 -2.12 -9.61
CA VAL C 88 10.85 -1.02 -9.62
C VAL C 88 9.63 -1.45 -10.45
N ARG C 89 9.86 -2.12 -11.58
CA ARG C 89 8.77 -2.60 -12.43
C ARG C 89 7.89 -3.55 -11.66
N LYS C 90 8.51 -4.37 -10.81
CA LYS C 90 7.76 -5.33 -10.03
C LYS C 90 6.97 -4.68 -8.92
N TYR C 91 7.54 -3.65 -8.31
CA TYR C 91 6.86 -2.96 -7.22
C TYR C 91 5.58 -2.33 -7.71
N PHE C 92 5.58 -1.83 -8.95
CA PHE C 92 4.39 -1.20 -9.51
C PHE C 92 3.54 -2.15 -10.34
N GLN C 93 3.93 -3.44 -10.37
CA GLN C 93 3.23 -4.47 -11.12
C GLN C 93 2.88 -4.01 -12.53
N LEU C 94 3.83 -3.35 -13.18
CA LEU C 94 3.61 -2.82 -14.53
C LEU C 94 3.25 -3.85 -15.60
N ASP C 95 3.30 -5.14 -15.26
CA ASP C 95 2.93 -6.17 -16.21
C ASP C 95 1.41 -6.24 -16.27
N VAL C 96 0.76 -5.75 -15.23
CA VAL C 96 -0.69 -5.70 -15.19
C VAL C 96 -1.05 -4.42 -15.94
N THR C 97 -1.71 -4.58 -17.09
CA THR C 97 -2.12 -3.47 -17.95
C THR C 97 -3.36 -2.73 -17.43
N LEU C 98 -3.14 -1.56 -16.84
CA LEU C 98 -4.25 -0.79 -16.28
C LEU C 98 -5.31 -0.46 -17.32
N ALA C 99 -4.87 -0.11 -18.53
CA ALA C 99 -5.80 0.21 -19.61
C ALA C 99 -6.80 -0.91 -19.85
N GLN C 100 -6.33 -2.16 -19.77
CA GLN C 100 -7.20 -3.32 -19.96
C GLN C 100 -8.22 -3.44 -18.84
N LEU C 101 -7.77 -3.20 -17.61
CA LEU C 101 -8.67 -3.28 -16.46
C LEU C 101 -9.72 -2.15 -16.50
N TYR C 102 -9.26 -0.92 -16.76
CA TYR C 102 -10.17 0.22 -16.82
C TYR C 102 -11.26 -0.05 -17.84
N HIS C 103 -10.85 -0.55 -19.00
CA HIS C 103 -11.81 -0.84 -20.07
C HIS C 103 -12.88 -1.79 -19.56
N HIS C 104 -12.47 -2.92 -19.00
CA HIS C 104 -13.40 -3.89 -18.49
C HIS C 104 -14.34 -3.32 -17.44
N TRP C 105 -13.77 -2.73 -16.38
CA TRP C 105 -14.61 -2.16 -15.32
C TRP C 105 -15.58 -1.15 -15.88
N GLY C 106 -15.08 -0.24 -16.71
CA GLY C 106 -15.94 0.77 -17.29
C GLY C 106 -17.08 0.15 -18.08
N SER C 107 -16.76 -0.93 -18.77
CA SER C 107 -17.73 -1.64 -19.59
C SER C 107 -18.88 -2.26 -18.80
N VAL C 108 -18.60 -2.65 -17.55
CA VAL C 108 -19.61 -3.29 -16.71
C VAL C 108 -20.14 -2.40 -15.61
N ASP C 109 -19.67 -1.15 -15.55
CA ASP C 109 -20.10 -0.24 -14.51
C ASP C 109 -20.10 1.18 -15.02
N SER C 110 -21.24 1.59 -15.56
CA SER C 110 -21.41 2.93 -16.11
C SER C 110 -20.81 4.00 -15.20
N HIS C 111 -20.93 3.82 -13.88
CA HIS C 111 -20.37 4.80 -12.96
C HIS C 111 -18.86 4.77 -12.90
N PHE C 112 -18.27 3.58 -12.94
CA PHE C 112 -16.82 3.50 -12.92
C PHE C 112 -16.29 4.28 -14.11
N GLN C 113 -16.90 4.06 -15.26
CA GLN C 113 -16.48 4.75 -16.47
C GLN C 113 -16.47 6.27 -16.33
N GLU C 114 -17.48 6.82 -15.63
CA GLU C 114 -17.57 8.26 -15.42
C GLU C 114 -16.45 8.81 -14.56
N VAL C 115 -16.07 8.07 -13.52
CA VAL C 115 -15.01 8.51 -12.62
C VAL C 115 -13.63 8.19 -13.19
N ALA C 116 -13.53 7.07 -13.90
CA ALA C 116 -12.27 6.64 -14.49
C ALA C 116 -11.73 7.68 -15.45
N GLN C 117 -12.62 8.48 -16.03
CA GLN C 117 -12.23 9.50 -16.97
C GLN C 117 -11.20 10.46 -16.36
N LYS C 118 -11.45 10.89 -15.13
CA LYS C 118 -10.57 11.84 -14.46
C LYS C 118 -9.54 11.28 -13.48
N PHE C 119 -9.48 9.95 -13.33
CA PHE C 119 -8.50 9.38 -12.41
C PHE C 119 -7.79 8.17 -13.01
N GLN C 120 -7.04 8.40 -14.07
CA GLN C 120 -6.30 7.32 -14.72
C GLN C 120 -5.01 7.09 -13.95
N GLY C 121 -4.36 5.96 -14.20
CA GLY C 121 -3.10 5.66 -13.53
C GLY C 121 -3.15 5.15 -12.11
N VAL C 122 -4.32 4.79 -11.59
CA VAL C 122 -4.38 4.26 -10.23
C VAL C 122 -4.25 2.73 -10.28
N ARG C 123 -3.21 2.20 -9.66
CA ARG C 123 -2.95 0.77 -9.64
C ARG C 123 -2.53 0.37 -8.22
N LEU C 124 -2.26 -0.91 -8.03
CA LEU C 124 -1.83 -1.41 -6.72
C LEU C 124 -0.34 -1.65 -6.72
N LEU C 125 0.30 -1.33 -5.60
CA LEU C 125 1.73 -1.56 -5.45
C LEU C 125 1.81 -2.96 -4.87
N ARG C 126 2.85 -3.71 -5.21
CA ARG C 126 3.02 -5.06 -4.64
C ARG C 126 3.98 -4.81 -3.48
N GLN C 127 3.45 -4.80 -2.26
CA GLN C 127 4.24 -4.52 -1.08
C GLN C 127 4.73 -5.74 -0.33
N ASP C 128 5.65 -5.50 0.59
CA ASP C 128 6.22 -6.53 1.44
C ASP C 128 5.18 -6.85 2.53
N PRO C 129 4.90 -8.14 2.74
CA PRO C 129 3.93 -8.59 3.74
C PRO C 129 4.14 -7.99 5.13
N ILE C 130 5.37 -8.04 5.64
CA ILE C 130 5.63 -7.50 6.97
C ILE C 130 5.32 -6.01 7.08
N GLU C 131 5.80 -5.22 6.12
CA GLU C 131 5.55 -3.80 6.16
C GLU C 131 4.05 -3.51 6.01
N CYS C 132 3.40 -4.29 5.15
CA CYS C 132 1.97 -4.10 4.90
C CYS C 132 1.14 -4.47 6.12
N LEU C 133 1.49 -5.58 6.75
CA LEU C 133 0.77 -6.04 7.93
C LEU C 133 0.80 -5.07 9.10
N PHE C 134 1.97 -4.55 9.43
CA PHE C 134 2.08 -3.64 10.56
C PHE C 134 1.61 -2.23 10.23
N SER C 135 1.82 -1.79 9.00
CA SER C 135 1.36 -0.48 8.60
C SER C 135 -0.17 -0.46 8.73
N PHE C 136 -0.84 -1.47 8.19
CA PHE C 136 -2.28 -1.46 8.30
C PHE C 136 -2.85 -1.82 9.66
N ILE C 137 -2.04 -2.45 10.51
CA ILE C 137 -2.53 -2.72 11.85
C ILE C 137 -2.66 -1.34 12.49
N CYS C 138 -1.82 -0.41 12.05
CA CYS C 138 -1.85 0.97 12.55
C CYS C 138 -2.95 1.79 11.89
N SER C 139 -3.54 1.28 10.82
CA SER C 139 -4.58 2.02 10.11
C SER C 139 -5.93 2.08 10.86
N SER C 140 -6.10 1.19 11.84
CA SER C 140 -7.33 1.13 12.64
C SER C 140 -7.75 2.52 13.15
N CYS C 141 -9.03 2.87 12.94
CA CYS C 141 -9.61 4.15 13.37
C CYS C 141 -8.56 5.24 13.20
N ASN C 142 -8.09 5.41 11.97
CA ASN C 142 -7.03 6.38 11.73
C ASN C 142 -7.01 7.01 10.34
N ASN C 143 -6.62 8.28 10.27
CA ASN C 143 -6.54 8.99 8.98
C ASN C 143 -5.15 8.75 8.42
N ILE C 144 -5.01 8.88 7.11
CA ILE C 144 -3.75 8.66 6.42
C ILE C 144 -2.54 9.45 6.91
N ALA C 145 -2.70 10.74 7.15
CA ALA C 145 -1.57 11.55 7.61
C ALA C 145 -1.07 11.04 8.95
N ARG C 146 -1.99 10.71 9.84
CA ARG C 146 -1.61 10.23 11.16
C ARG C 146 -0.98 8.83 11.05
N ILE C 147 -1.50 8.01 10.16
CA ILE C 147 -0.95 6.68 9.96
C ILE C 147 0.49 6.84 9.48
N THR C 148 0.68 7.74 8.52
CA THR C 148 1.99 8.01 7.97
C THR C 148 2.98 8.44 9.06
N GLY C 149 2.49 9.14 10.08
CA GLY C 149 3.35 9.59 11.14
C GLY C 149 3.82 8.47 12.06
N MET C 150 2.89 7.61 12.45
CA MET C 150 3.21 6.50 13.32
C MET C 150 4.21 5.58 12.62
N VAL C 151 3.89 5.20 11.39
CA VAL C 151 4.75 4.30 10.64
C VAL C 151 6.16 4.84 10.49
N GLU C 152 6.28 6.14 10.27
CA GLU C 152 7.58 6.75 10.13
C GLU C 152 8.37 6.65 11.44
N ARG C 153 7.74 7.03 12.55
CA ARG C 153 8.38 6.95 13.85
C ARG C 153 8.75 5.53 14.20
N LEU C 154 7.88 4.59 13.82
CA LEU C 154 8.12 3.17 14.08
C LEU C 154 9.40 2.71 13.37
N CYS C 155 9.50 3.00 12.08
CA CYS C 155 10.67 2.60 11.29
C CYS C 155 11.92 3.31 11.76
N GLN C 156 11.77 4.54 12.20
CA GLN C 156 12.91 5.30 12.68
C GLN C 156 13.45 4.69 13.98
N ALA C 157 12.54 4.25 14.84
CA ALA C 157 12.91 3.66 16.13
C ALA C 157 13.38 2.21 16.08
N PHE C 158 12.84 1.40 15.16
CA PHE C 158 13.23 0.00 15.09
C PHE C 158 13.76 -0.45 13.75
N GLY C 159 13.77 0.45 12.76
CA GLY C 159 14.25 0.07 11.45
C GLY C 159 15.72 0.31 11.24
N PRO C 160 16.37 -0.44 10.35
CA PRO C 160 17.81 -0.26 10.08
C PRO C 160 18.08 1.06 9.33
N ARG C 161 19.09 1.80 9.74
CA ARG C 161 19.44 3.04 9.07
C ARG C 161 19.94 2.69 7.67
N LEU C 162 19.50 3.43 6.66
CA LEU C 162 19.94 3.19 5.30
C LEU C 162 20.87 4.33 4.89
N ILE C 163 20.31 5.47 4.49
CA ILE C 163 21.15 6.60 4.13
C ILE C 163 20.45 7.86 4.53
N GLN C 164 21.16 8.97 4.44
CA GLN C 164 20.62 10.27 4.80
C GLN C 164 20.77 11.25 3.63
N LEU C 165 19.67 11.91 3.30
CA LEU C 165 19.65 12.92 2.24
C LEU C 165 19.11 14.17 2.91
N ASP C 166 19.86 15.27 2.82
CA ASP C 166 19.46 16.51 3.50
C ASP C 166 19.32 16.13 4.97
N ASP C 167 18.21 16.47 5.60
CA ASP C 167 18.01 16.13 7.00
C ASP C 167 17.07 14.94 7.17
N VAL C 168 17.02 14.08 6.15
CA VAL C 168 16.15 12.92 6.23
C VAL C 168 16.96 11.64 6.28
N THR C 169 16.79 10.89 7.35
CA THR C 169 17.48 9.61 7.47
C THR C 169 16.47 8.50 7.16
N TYR C 170 16.67 7.84 6.03
CA TYR C 170 15.77 6.76 5.63
C TYR C 170 16.06 5.48 6.37
N HIS C 171 15.01 4.79 6.79
CA HIS C 171 15.15 3.53 7.49
C HIS C 171 14.44 2.41 6.73
N GLY C 172 14.92 1.19 6.90
CA GLY C 172 14.28 0.06 6.27
C GLY C 172 13.17 -0.29 7.24
N PHE C 173 12.16 -1.03 6.81
CA PHE C 173 11.08 -1.40 7.71
C PHE C 173 11.60 -2.41 8.75
N PRO C 174 11.16 -2.29 10.01
CA PRO C 174 11.64 -3.21 11.05
C PRO C 174 11.31 -4.69 10.77
N SER C 175 12.13 -5.57 11.35
CA SER C 175 11.96 -7.01 11.21
C SER C 175 11.03 -7.52 12.30
N LEU C 176 10.58 -8.77 12.14
CA LEU C 176 9.69 -9.42 13.12
C LEU C 176 10.37 -9.46 14.48
N GLN C 177 11.62 -9.90 14.48
CA GLN C 177 12.41 -10.01 15.70
C GLN C 177 12.47 -8.70 16.45
N ALA C 178 12.75 -7.62 15.74
CA ALA C 178 12.85 -6.31 16.36
C ALA C 178 11.50 -5.86 16.92
N LEU C 179 10.44 -6.09 16.15
CA LEU C 179 9.11 -5.69 16.58
C LEU C 179 8.60 -6.52 17.77
N ALA C 180 9.05 -7.76 17.85
CA ALA C 180 8.61 -8.62 18.95
C ALA C 180 9.51 -8.47 20.17
N GLY C 181 10.54 -7.63 20.04
CA GLY C 181 11.47 -7.39 21.12
C GLY C 181 10.89 -6.92 22.43
N PRO C 182 11.69 -6.97 23.52
CA PRO C 182 11.17 -6.53 24.80
C PRO C 182 10.91 -5.03 24.91
N GLU C 183 9.81 -4.68 25.56
CA GLU C 183 9.40 -3.30 25.79
C GLU C 183 9.03 -2.47 24.57
N VAL C 184 8.86 -3.13 23.43
CA VAL C 184 8.48 -2.42 22.22
C VAL C 184 7.15 -1.69 22.38
N GLU C 185 6.15 -2.37 22.95
CA GLU C 185 4.85 -1.74 23.13
C GLU C 185 4.99 -0.38 23.78
N ALA C 186 5.56 -0.38 24.99
CA ALA C 186 5.76 0.86 25.70
C ALA C 186 6.46 1.90 24.82
N HIS C 187 7.50 1.47 24.11
CA HIS C 187 8.22 2.40 23.27
C HIS C 187 7.32 2.99 22.18
N LEU C 188 6.49 2.14 21.57
CA LEU C 188 5.59 2.61 20.53
C LEU C 188 4.51 3.54 21.08
N ARG C 189 4.17 3.39 22.36
CA ARG C 189 3.18 4.26 22.97
C ARG C 189 3.79 5.65 23.12
N LYS C 190 5.08 5.70 23.46
CA LYS C 190 5.76 6.99 23.61
C LYS C 190 5.86 7.64 22.24
N LEU C 191 5.73 6.84 21.18
CA LEU C 191 5.78 7.36 19.81
C LEU C 191 4.38 7.76 19.32
N GLY C 192 3.37 7.55 20.16
CA GLY C 192 2.02 7.93 19.84
C GLY C 192 1.18 6.95 19.05
N LEU C 193 1.48 5.66 19.17
CA LEU C 193 0.72 4.63 18.45
C LEU C 193 -0.59 4.26 19.13
N GLY C 194 -0.75 4.67 20.39
CA GLY C 194 -1.97 4.35 21.11
C GLY C 194 -2.09 2.84 21.30
N TYR C 195 -3.33 2.36 21.35
CA TYR C 195 -3.58 0.94 21.54
C TYR C 195 -2.96 0.09 20.43
N ARG C 196 -2.63 0.72 19.31
CA ARG C 196 -2.03 0.01 18.18
C ARG C 196 -0.67 -0.58 18.55
N ALA C 197 0.01 0.08 19.48
CA ALA C 197 1.31 -0.37 19.95
C ALA C 197 1.23 -1.81 20.45
N ARG C 198 0.18 -2.11 21.21
CA ARG C 198 0.01 -3.47 21.73
C ARG C 198 -0.15 -4.48 20.62
N TYR C 199 -0.98 -4.16 19.62
CA TYR C 199 -1.21 -5.07 18.52
C TYR C 199 0.05 -5.29 17.68
N VAL C 200 0.87 -4.25 17.55
CA VAL C 200 2.11 -4.38 16.81
C VAL C 200 2.94 -5.45 17.51
N SER C 201 3.15 -5.22 18.80
CA SER C 201 3.91 -6.15 19.63
C SER C 201 3.28 -7.55 19.64
N ALA C 202 1.99 -7.63 19.91
CA ALA C 202 1.31 -8.91 19.96
C ALA C 202 1.37 -9.71 18.66
N SER C 203 1.16 -9.05 17.52
CA SER C 203 1.22 -9.79 16.26
C SER C 203 2.63 -10.23 15.88
N ALA C 204 3.63 -9.45 16.29
CA ALA C 204 5.01 -9.82 16.00
C ALA C 204 5.33 -11.13 16.74
N ARG C 205 5.02 -11.17 18.03
CA ARG C 205 5.29 -12.36 18.83
C ARG C 205 4.45 -13.54 18.34
N ALA C 206 3.19 -13.26 17.99
CA ALA C 206 2.30 -14.30 17.51
C ALA C 206 2.84 -14.98 16.26
N ILE C 207 3.44 -14.19 15.38
CA ILE C 207 4.01 -14.75 14.16
C ILE C 207 5.23 -15.60 14.43
N LEU C 208 6.18 -15.06 15.21
CA LEU C 208 7.40 -15.80 15.52
C LEU C 208 7.21 -16.95 16.50
N GLU C 209 6.36 -16.76 17.50
CA GLU C 209 6.15 -17.77 18.53
C GLU C 209 4.94 -18.70 18.44
N GLU C 210 4.04 -18.47 17.49
CA GLU C 210 2.86 -19.34 17.37
C GLU C 210 2.52 -19.79 15.95
N GLN C 211 2.94 -19.04 14.94
CA GLN C 211 2.59 -19.40 13.56
C GLN C 211 3.71 -19.91 12.69
N GLY C 212 4.93 -19.93 13.23
CA GLY C 212 6.05 -20.43 12.44
C GLY C 212 6.92 -19.39 11.78
N GLY C 213 6.80 -18.15 12.21
CA GLY C 213 7.63 -17.09 11.66
C GLY C 213 7.32 -16.59 10.26
N LEU C 214 8.13 -15.65 9.81
CA LEU C 214 8.01 -15.01 8.51
C LEU C 214 7.45 -15.88 7.38
N ALA C 215 8.00 -17.08 7.20
CA ALA C 215 7.55 -17.97 6.14
C ALA C 215 6.04 -18.15 6.11
N TRP C 216 5.45 -18.42 7.27
CA TRP C 216 4.01 -18.59 7.38
C TRP C 216 3.28 -17.47 6.63
N LEU C 217 3.71 -16.24 6.86
CA LEU C 217 3.13 -15.06 6.23
C LEU C 217 3.37 -15.08 4.72
N GLN C 218 4.64 -15.24 4.33
CA GLN C 218 5.02 -15.28 2.94
C GLN C 218 4.30 -16.40 2.18
N GLN C 219 4.11 -17.54 2.83
CA GLN C 219 3.46 -18.69 2.22
C GLN C 219 2.07 -18.32 1.70
N LEU C 220 1.46 -17.36 2.36
CA LEU C 220 0.12 -16.91 2.00
C LEU C 220 -0.03 -16.40 0.59
N ARG C 221 1.09 -16.10 -0.08
CA ARG C 221 1.02 -15.63 -1.46
C ARG C 221 0.65 -16.77 -2.40
N GLU C 222 0.84 -18.00 -1.93
CA GLU C 222 0.51 -19.17 -2.72
C GLU C 222 -0.84 -19.77 -2.30
N SER C 223 -1.39 -19.25 -1.20
CA SER C 223 -2.69 -19.70 -0.71
C SER C 223 -3.82 -18.92 -1.38
N SER C 224 -5.01 -19.51 -1.39
CA SER C 224 -6.18 -18.87 -1.98
C SER C 224 -6.50 -17.64 -1.16
N TYR C 225 -7.30 -16.73 -1.72
CA TYR C 225 -7.68 -15.52 -1.03
C TYR C 225 -8.39 -15.84 0.29
N GLU C 226 -9.34 -16.77 0.23
CA GLU C 226 -10.12 -17.17 1.41
C GLU C 226 -9.23 -17.75 2.49
N GLU C 227 -8.21 -18.49 2.06
CA GLU C 227 -7.28 -19.09 2.98
C GLU C 227 -6.44 -18.02 3.65
N ALA C 228 -5.84 -17.15 2.85
CA ALA C 228 -5.01 -16.08 3.38
C ALA C 228 -5.79 -15.19 4.34
N HIS C 229 -6.98 -14.78 3.93
CA HIS C 229 -7.79 -13.90 4.75
C HIS C 229 -8.15 -14.54 6.10
N LYS C 230 -8.42 -15.84 6.08
CA LYS C 230 -8.77 -16.58 7.29
C LYS C 230 -7.58 -16.57 8.24
N ALA C 231 -6.42 -16.92 7.71
CA ALA C 231 -5.18 -16.97 8.46
C ALA C 231 -4.79 -15.63 9.07
N LEU C 232 -4.85 -14.57 8.27
CA LEU C 232 -4.48 -13.24 8.76
C LEU C 232 -5.28 -12.78 9.97
N CYS C 233 -6.58 -13.07 9.98
CA CYS C 233 -7.44 -12.66 11.09
C CYS C 233 -7.08 -13.29 12.43
N ILE C 234 -6.22 -14.29 12.41
CA ILE C 234 -5.77 -14.96 13.64
C ILE C 234 -4.94 -14.01 14.49
N LEU C 235 -4.19 -13.14 13.82
CA LEU C 235 -3.30 -12.19 14.46
C LEU C 235 -4.01 -11.06 15.20
N PRO C 236 -3.51 -10.70 16.40
CA PRO C 236 -4.07 -9.64 17.26
C PRO C 236 -4.06 -8.29 16.57
N GLY C 237 -5.23 -7.68 16.48
CA GLY C 237 -5.32 -6.37 15.85
C GLY C 237 -5.63 -6.45 14.37
N VAL C 238 -5.83 -7.67 13.87
CA VAL C 238 -6.14 -7.85 12.46
C VAL C 238 -7.58 -8.34 12.23
N GLY C 239 -8.42 -7.45 11.72
CA GLY C 239 -9.81 -7.81 11.44
C GLY C 239 -10.01 -8.06 9.96
N THR C 240 -11.27 -8.03 9.51
CA THR C 240 -11.61 -8.25 8.10
C THR C 240 -11.03 -7.16 7.20
N GLN C 241 -11.12 -5.93 7.68
CA GLN C 241 -10.62 -4.74 6.98
C GLN C 241 -9.11 -4.86 6.70
N VAL C 242 -8.32 -4.91 7.78
CA VAL C 242 -6.87 -5.01 7.69
C VAL C 242 -6.46 -6.24 6.89
N ALA C 243 -7.15 -7.35 7.14
CA ALA C 243 -6.85 -8.60 6.46
C ALA C 243 -6.99 -8.44 4.97
N ASP C 244 -8.02 -7.72 4.53
CA ASP C 244 -8.23 -7.51 3.11
C ASP C 244 -7.19 -6.58 2.49
N CYS C 245 -6.81 -5.53 3.22
CA CYS C 245 -5.81 -4.59 2.72
C CYS C 245 -4.52 -5.36 2.45
N ILE C 246 -4.17 -6.24 3.38
CA ILE C 246 -2.97 -7.02 3.25
C ILE C 246 -3.07 -8.02 2.12
N CYS C 247 -4.24 -8.66 1.97
CA CYS C 247 -4.43 -9.62 0.88
C CYS C 247 -4.29 -8.91 -0.45
N LEU C 248 -4.94 -7.76 -0.57
CA LEU C 248 -4.93 -6.97 -1.80
C LEU C 248 -3.59 -6.35 -2.15
N MET C 249 -2.98 -5.71 -1.16
CA MET C 249 -1.74 -5.01 -1.39
C MET C 249 -0.42 -5.77 -1.26
N ALA C 250 -0.44 -6.93 -0.60
CA ALA C 250 0.81 -7.67 -0.44
C ALA C 250 0.78 -9.18 -0.64
N LEU C 251 -0.41 -9.77 -0.74
CA LEU C 251 -0.49 -11.22 -0.91
C LEU C 251 -1.03 -11.70 -2.26
N ASP C 252 -1.03 -10.80 -3.24
CA ASP C 252 -1.49 -11.12 -4.60
C ASP C 252 -2.94 -11.61 -4.74
N LYS C 253 -3.83 -11.08 -3.91
CA LYS C 253 -5.24 -11.44 -3.99
C LYS C 253 -5.97 -10.19 -4.50
N PRO C 254 -5.94 -9.97 -5.82
CA PRO C 254 -6.58 -8.82 -6.46
C PRO C 254 -8.09 -8.71 -6.36
N GLN C 255 -8.76 -9.77 -5.91
CA GLN C 255 -10.22 -9.71 -5.77
C GLN C 255 -10.59 -9.27 -4.39
N ALA C 256 -9.60 -9.09 -3.53
CA ALA C 256 -9.83 -8.67 -2.15
C ALA C 256 -10.31 -7.23 -2.10
N VAL C 257 -11.45 -7.01 -1.46
CA VAL C 257 -12.00 -5.66 -1.36
C VAL C 257 -12.14 -5.16 0.07
N PRO C 258 -11.34 -4.16 0.44
CA PRO C 258 -11.43 -3.62 1.80
C PRO C 258 -12.73 -2.82 1.94
N VAL C 259 -13.50 -3.08 3.00
CA VAL C 259 -14.74 -2.35 3.21
C VAL C 259 -14.65 -1.47 4.44
N ASP C 260 -14.55 -0.16 4.22
CA ASP C 260 -14.45 0.80 5.31
C ASP C 260 -15.57 1.83 5.13
N VAL C 261 -15.49 2.95 5.84
CA VAL C 261 -16.51 3.97 5.71
C VAL C 261 -16.49 4.55 4.31
N HIS C 262 -15.31 4.81 3.78
CA HIS C 262 -15.19 5.37 2.43
C HIS C 262 -15.96 4.52 1.41
N MET C 263 -15.77 3.21 1.44
CA MET C 263 -16.45 2.34 0.51
C MET C 263 -17.94 2.28 0.77
N TRP C 264 -18.34 2.44 2.04
CA TRP C 264 -19.76 2.44 2.35
C TRP C 264 -20.40 3.67 1.74
N HIS C 265 -19.70 4.81 1.83
CA HIS C 265 -20.18 6.06 1.27
C HIS C 265 -20.28 5.92 -0.24
N ILE C 266 -19.26 5.32 -0.85
CA ILE C 266 -19.26 5.12 -2.29
C ILE C 266 -20.45 4.24 -2.67
N ALA C 267 -20.61 3.14 -1.93
CA ALA C 267 -21.69 2.19 -2.17
C ALA C 267 -23.08 2.84 -2.13
N GLN C 268 -23.32 3.65 -1.13
CA GLN C 268 -24.62 4.29 -0.96
C GLN C 268 -24.87 5.46 -1.89
N ARG C 269 -23.89 6.35 -2.00
CA ARG C 269 -24.04 7.52 -2.85
C ARG C 269 -24.01 7.24 -4.34
N ASP C 270 -23.13 6.33 -4.77
CA ASP C 270 -23.00 6.04 -6.19
C ASP C 270 -23.68 4.79 -6.74
N TYR C 271 -24.25 3.96 -5.88
CA TYR C 271 -24.92 2.75 -6.36
C TYR C 271 -26.24 2.51 -5.63
N SER C 272 -26.57 3.41 -4.70
CA SER C 272 -27.81 3.28 -3.94
C SER C 272 -27.83 1.89 -3.36
N TRP C 273 -26.68 1.45 -2.86
CA TRP C 273 -26.57 0.12 -2.28
C TRP C 273 -27.15 0.04 -0.88
N HIS C 274 -27.70 -1.12 -0.55
CA HIS C 274 -28.27 -1.39 0.75
C HIS C 274 -28.20 -2.90 0.99
N PRO C 275 -27.92 -3.30 2.25
CA PRO C 275 -27.82 -4.72 2.62
C PRO C 275 -29.13 -5.45 2.33
N THR C 276 -29.02 -6.67 1.83
CA THR C 276 -30.21 -7.46 1.51
C THR C 276 -30.29 -8.68 2.44
N THR C 277 -29.14 -9.28 2.71
CA THR C 277 -29.08 -10.46 3.57
C THR C 277 -28.64 -10.15 4.99
N SER C 278 -28.72 -8.88 5.38
CA SER C 278 -28.32 -8.50 6.72
C SER C 278 -29.43 -7.77 7.46
N GLN C 279 -29.36 -7.83 8.78
CA GLN C 279 -30.35 -7.19 9.63
C GLN C 279 -30.09 -5.70 9.67
N ALA C 280 -28.87 -5.34 10.06
CA ALA C 280 -28.42 -3.96 10.19
C ALA C 280 -28.56 -3.14 8.92
N LYS C 281 -28.61 -1.82 9.09
CA LYS C 281 -28.73 -0.90 7.98
C LYS C 281 -27.38 -0.25 7.71
N GLY C 282 -26.44 -0.46 8.63
CA GLY C 282 -25.12 0.11 8.49
C GLY C 282 -23.99 -0.91 8.65
N PRO C 283 -22.74 -0.44 8.72
CA PRO C 283 -21.56 -1.30 8.88
C PRO C 283 -21.63 -2.28 10.06
N SER C 284 -21.32 -3.54 9.77
CA SER C 284 -21.33 -4.59 10.78
C SER C 284 -20.65 -5.78 10.13
N PRO C 285 -20.10 -6.71 10.93
CA PRO C 285 -19.45 -7.85 10.30
C PRO C 285 -20.23 -8.44 9.12
N GLN C 286 -21.53 -8.67 9.30
CA GLN C 286 -22.36 -9.24 8.23
C GLN C 286 -22.58 -8.33 7.02
N THR C 287 -22.82 -7.04 7.24
CA THR C 287 -23.05 -6.12 6.13
C THR C 287 -21.78 -5.81 5.34
N ASN C 288 -20.64 -5.77 6.02
CA ASN C 288 -19.39 -5.49 5.32
C ASN C 288 -19.04 -6.66 4.42
N LYS C 289 -19.28 -7.87 4.90
CA LYS C 289 -18.99 -9.05 4.09
C LYS C 289 -19.86 -9.00 2.84
N GLU C 290 -21.09 -8.56 3.01
CA GLU C 290 -22.03 -8.48 1.89
C GLU C 290 -21.59 -7.43 0.87
N LEU C 291 -21.19 -6.25 1.35
CA LEU C 291 -20.73 -5.20 0.46
C LEU C 291 -19.54 -5.68 -0.35
N GLY C 292 -18.62 -6.37 0.30
CA GLY C 292 -17.46 -6.88 -0.40
C GLY C 292 -17.86 -7.80 -1.53
N ASN C 293 -18.83 -8.66 -1.26
CA ASN C 293 -19.30 -9.61 -2.28
C ASN C 293 -19.97 -8.86 -3.42
N PHE C 294 -20.67 -7.78 -3.08
CA PHE C 294 -21.36 -6.96 -4.07
C PHE C 294 -20.35 -6.38 -5.06
N PHE C 295 -19.28 -5.79 -4.52
CA PHE C 295 -18.24 -5.20 -5.34
C PHE C 295 -17.50 -6.25 -6.16
N ARG C 296 -17.27 -7.41 -5.55
CA ARG C 296 -16.59 -8.47 -6.28
C ARG C 296 -17.50 -8.89 -7.43
N SER C 297 -18.76 -9.13 -7.13
CA SER C 297 -19.72 -9.54 -8.15
C SER C 297 -19.85 -8.50 -9.26
N LEU C 298 -19.65 -7.24 -8.93
CA LEU C 298 -19.75 -6.17 -9.93
C LEU C 298 -18.51 -5.97 -10.80
N TRP C 299 -17.32 -6.00 -10.18
CA TRP C 299 -16.11 -5.77 -10.94
C TRP C 299 -15.32 -6.98 -11.41
N GLY C 300 -15.49 -8.12 -10.73
CA GLY C 300 -14.76 -9.30 -11.14
C GLY C 300 -13.49 -9.57 -10.33
N PRO C 301 -12.65 -10.52 -10.77
CA PRO C 301 -11.40 -10.95 -10.15
C PRO C 301 -10.47 -9.83 -9.66
N TYR C 302 -10.54 -8.66 -10.30
CA TYR C 302 -9.70 -7.54 -9.89
C TYR C 302 -10.51 -6.45 -9.20
N ALA C 303 -11.59 -6.84 -8.53
CA ALA C 303 -12.44 -5.88 -7.85
C ALA C 303 -11.64 -5.04 -6.86
N GLY C 304 -10.59 -5.63 -6.29
CA GLY C 304 -9.78 -4.91 -5.33
C GLY C 304 -9.09 -3.72 -5.98
N TRP C 305 -8.72 -3.88 -7.24
CA TRP C 305 -8.06 -2.81 -7.96
C TRP C 305 -9.04 -1.71 -8.31
N ALA C 306 -10.22 -2.08 -8.78
CA ALA C 306 -11.24 -1.11 -9.14
C ALA C 306 -11.59 -0.32 -7.89
N GLN C 307 -11.59 -1.00 -6.75
CA GLN C 307 -11.88 -0.37 -5.47
C GLN C 307 -10.87 0.73 -5.16
N ALA C 308 -9.61 0.50 -5.54
CA ALA C 308 -8.55 1.48 -5.30
C ALA C 308 -8.78 2.76 -6.10
N VAL C 309 -9.20 2.61 -7.36
CA VAL C 309 -9.44 3.78 -8.20
C VAL C 309 -10.46 4.70 -7.54
N LEU C 310 -11.60 4.14 -7.14
CA LEU C 310 -12.63 4.96 -6.53
C LEU C 310 -12.24 5.49 -5.15
N PHE C 311 -11.66 4.62 -4.31
CA PHE C 311 -11.22 5.04 -2.97
C PHE C 311 -10.26 6.22 -3.11
N SER C 312 -9.39 6.16 -4.12
CA SER C 312 -8.43 7.24 -4.36
C SER C 312 -9.12 8.52 -4.78
N ALA C 313 -10.13 8.40 -5.64
CA ALA C 313 -10.87 9.56 -6.11
C ALA C 313 -11.67 10.19 -4.96
N ASP C 314 -12.13 9.35 -4.03
CA ASP C 314 -12.91 9.80 -2.89
C ASP C 314 -12.07 10.54 -1.85
N LEU C 315 -10.75 10.41 -1.93
CA LEU C 315 -9.86 11.10 -1.01
C LEU C 315 -9.61 12.50 -1.55
N ARG C 316 -9.28 12.58 -2.83
CA ARG C 316 -9.04 13.87 -3.48
C ARG C 316 -10.23 14.79 -3.19
N GLN C 317 -11.43 14.24 -3.28
CA GLN C 317 -12.65 15.00 -3.03
C GLN C 317 -12.71 15.50 -1.58
CA CA D . -12.73 5.26 10.95
CA CA E . -7.72 -10.91 14.76
#